data_8T66
#
_entry.id   8T66
#
_cell.length_a   70.352
_cell.length_b   75.813
_cell.length_c   125.195
_cell.angle_alpha   90.00
_cell.angle_beta   90.00
_cell.angle_gamma   90.00
#
_symmetry.space_group_name_H-M   'C 2 2 21'
#
loop_
_entity.id
_entity.type
_entity.pdbx_description
1 polymer Cam1
2 polymer "RNA (5'-R(P*AP*AP*AP*AP*A)-3')"
3 water water
#
loop_
_entity_poly.entity_id
_entity_poly.type
_entity_poly.pdbx_seq_one_letter_code
_entity_poly.pdbx_strand_id
1 'polypeptide(L)'
;SREDLRAWLTRNRFPRVGGVSESTVQWEGVVFTVSNESVPRWVMAQIQPAYMGLVATQASLAAAEAVAAVARRRGIEVHG
PLQVADPNDPAASRSQVALLLSELRRAGCREIAVDLTGGKLPMSLGAFMAAEEAGVASLYVATDFDKHLKVPDMRTATLR
QISQPE
;
B,A
2 'polyribonucleotide' AAAAAA C
#
# COMPACT_ATOMS: atom_id res chain seq x y z
N ARG A 11 -0.11 17.17 11.59
CA ARG A 11 0.18 15.75 11.76
C ARG A 11 -1.06 14.90 11.46
N ASN A 12 -0.92 13.99 10.51
CA ASN A 12 -2.04 13.12 10.16
C ASN A 12 -2.28 12.10 11.27
N ARG A 13 -3.51 11.62 11.34
CA ARG A 13 -3.90 10.62 12.34
C ARG A 13 -4.98 9.75 11.72
N PHE A 14 -4.96 8.47 12.07
CA PHE A 14 -5.84 7.47 11.46
C PHE A 14 -6.67 6.85 12.57
N PRO A 15 -7.83 7.43 12.88
CA PRO A 15 -8.58 7.01 14.08
C PRO A 15 -9.25 5.65 13.98
N ARG A 16 -9.51 5.12 12.78
CA ARG A 16 -10.24 3.85 12.60
C ARG A 16 -9.52 3.00 11.57
N VAL A 17 -8.77 2.01 12.02
CA VAL A 17 -7.91 1.20 11.15
C VAL A 17 -8.25 -0.27 11.33
N GLY A 18 -8.36 -0.98 10.20
CA GLY A 18 -8.59 -2.41 10.24
C GLY A 18 -10.06 -2.74 10.35
N GLY A 19 -10.33 -4.03 10.50
CA GLY A 19 -11.69 -4.54 10.50
C GLY A 19 -12.03 -5.24 9.20
N VAL A 20 -13.22 -5.85 9.20
CA VAL A 20 -13.72 -6.61 8.05
C VAL A 20 -15.09 -6.07 7.66
N SER A 21 -15.33 -5.98 6.36
CA SER A 21 -16.57 -5.44 5.82
C SER A 21 -17.39 -6.53 5.12
N GLU A 22 -18.70 -6.58 5.40
CA GLU A 22 -19.59 -7.56 4.76
C GLU A 22 -20.93 -6.87 4.52
N SER A 23 -21.10 -6.19 3.37
CA SER A 23 -22.38 -5.50 3.03
C SER A 23 -22.60 -5.24 1.56
N THR A 24 -23.80 -5.49 1.08
CA THR A 24 -24.12 -5.22 -0.31
C THR A 24 -24.82 -3.87 -0.45
N VAL A 25 -24.93 -3.15 0.65
CA VAL A 25 -25.63 -1.89 0.60
C VAL A 25 -24.93 -0.72 1.24
N GLN A 26 -23.70 -0.91 1.69
CA GLN A 26 -22.94 0.12 2.38
C GLN A 26 -22.28 1.16 1.50
N TRP A 27 -21.82 0.74 0.33
CA TRP A 27 -21.13 1.59 -0.63
C TRP A 27 -21.95 1.70 -1.91
N GLU A 28 -22.30 2.92 -2.29
CA GLU A 28 -22.92 3.18 -3.58
C GLU A 28 -21.91 3.21 -4.72
N GLY A 29 -20.64 3.49 -4.42
CA GLY A 29 -19.64 3.58 -5.47
C GLY A 29 -18.32 3.04 -4.98
N VAL A 30 -17.53 2.52 -5.91
CA VAL A 30 -16.19 2.00 -5.61
C VAL A 30 -15.24 2.48 -6.70
N VAL A 31 -14.08 2.98 -6.31
CA VAL A 31 -13.01 3.35 -7.23
C VAL A 31 -11.89 2.34 -7.06
N PHE A 32 -11.41 1.78 -8.17
CA PHE A 32 -10.38 0.76 -8.20
C PHE A 32 -9.11 1.31 -8.83
N THR A 33 -7.96 1.01 -8.23
CA THR A 33 -6.69 1.01 -8.97
C THR A 33 -6.60 -0.36 -9.65
N VAL A 34 -6.23 -0.40 -10.93
CA VAL A 34 -6.45 -1.61 -11.71
C VAL A 34 -5.13 -2.21 -12.15
N SER A 35 -4.98 -3.51 -11.90
CA SER A 35 -3.96 -4.33 -12.53
C SER A 35 -4.58 -5.50 -13.28
N ASN A 36 -5.51 -6.24 -12.65
CA ASN A 36 -6.20 -7.36 -13.30
C ASN A 36 -7.70 -7.14 -13.27
N GLU A 37 -8.43 -7.89 -14.09
CA GLU A 37 -9.87 -7.72 -14.09
C GLU A 37 -10.60 -8.61 -13.08
N SER A 38 -9.92 -9.62 -12.51
CA SER A 38 -10.61 -10.63 -11.72
C SER A 38 -11.06 -10.10 -10.36
N VAL A 39 -10.19 -9.38 -9.65
CA VAL A 39 -10.52 -8.92 -8.31
C VAL A 39 -11.59 -7.83 -8.38
N PRO A 40 -11.50 -6.83 -9.25
CA PRO A 40 -12.61 -5.86 -9.33
C PRO A 40 -13.93 -6.50 -9.66
N ARG A 41 -13.94 -7.53 -10.52
CA ARG A 41 -15.20 -8.21 -10.82
C ARG A 41 -15.75 -8.92 -9.59
N TRP A 42 -14.87 -9.49 -8.77
CA TRP A 42 -15.31 -10.09 -7.51
C TRP A 42 -15.91 -9.01 -6.60
N VAL A 43 -15.23 -7.88 -6.48
CA VAL A 43 -15.72 -6.82 -5.59
C VAL A 43 -17.07 -6.29 -6.07
N MET A 44 -17.20 -6.11 -7.40
CA MET A 44 -18.49 -5.69 -7.96
C MET A 44 -19.61 -6.61 -7.50
N ALA A 45 -19.37 -7.92 -7.57
CA ALA A 45 -20.41 -8.87 -7.16
C ALA A 45 -20.76 -8.76 -5.69
N GLN A 46 -19.77 -8.43 -4.85
CA GLN A 46 -19.99 -8.42 -3.41
C GLN A 46 -20.68 -7.13 -2.96
N ILE A 47 -20.22 -5.99 -3.46
CA ILE A 47 -20.74 -4.71 -3.01
C ILE A 47 -21.95 -4.27 -3.84
N GLN A 48 -22.05 -4.76 -5.07
CA GLN A 48 -23.10 -4.35 -6.01
C GLN A 48 -23.25 -2.83 -6.06
N PRO A 49 -22.22 -2.09 -6.45
CA PRO A 49 -22.32 -0.63 -6.46
C PRO A 49 -23.17 -0.14 -7.63
N ALA A 50 -23.68 1.07 -7.47
CA ALA A 50 -24.33 1.79 -8.57
C ALA A 50 -23.35 2.55 -9.45
N TYR A 51 -22.19 2.95 -8.89
CA TYR A 51 -21.17 3.71 -9.59
C TYR A 51 -19.81 3.05 -9.41
N MET A 52 -18.91 3.30 -10.38
CA MET A 52 -17.56 2.76 -10.34
C MET A 52 -16.62 3.73 -11.01
N GLY A 53 -15.43 3.90 -10.41
CA GLY A 53 -14.35 4.62 -11.04
C GLY A 53 -13.14 3.70 -11.20
N LEU A 54 -12.33 3.99 -12.22
CA LEU A 54 -11.21 3.11 -12.56
C LEU A 54 -9.99 3.96 -12.93
N VAL A 55 -8.84 3.60 -12.36
CA VAL A 55 -7.56 4.20 -12.70
C VAL A 55 -6.65 3.06 -13.16
N ALA A 56 -5.95 3.29 -14.27
CA ALA A 56 -5.16 2.24 -14.91
C ALA A 56 -3.86 2.84 -15.40
N THR A 57 -2.93 1.97 -15.77
CA THR A 57 -1.74 2.36 -16.52
C THR A 57 -1.95 2.00 -17.98
N GLN A 58 -0.99 2.39 -18.83
CA GLN A 58 -1.06 1.90 -20.20
C GLN A 58 -1.09 0.38 -20.24
N ALA A 59 -0.34 -0.27 -19.34
CA ALA A 59 -0.29 -1.73 -19.32
C ALA A 59 -1.61 -2.35 -18.86
N SER A 60 -2.27 -1.75 -17.87
CA SER A 60 -3.48 -2.36 -17.35
C SER A 60 -4.76 -1.78 -17.94
N LEU A 61 -4.64 -0.89 -18.93
CA LEU A 61 -5.82 -0.25 -19.52
C LEU A 61 -6.81 -1.28 -20.05
N ALA A 62 -6.32 -2.32 -20.75
CA ALA A 62 -7.23 -3.30 -21.34
C ALA A 62 -8.00 -4.06 -20.26
N ALA A 63 -7.34 -4.40 -19.15
CA ALA A 63 -8.05 -5.06 -18.06
C ALA A 63 -9.09 -4.13 -17.46
N ALA A 64 -8.75 -2.85 -17.29
CA ALA A 64 -9.72 -1.89 -16.76
C ALA A 64 -10.93 -1.75 -17.69
N GLU A 65 -10.68 -1.76 -19.01
CA GLU A 65 -11.79 -1.67 -19.97
C GLU A 65 -12.66 -2.93 -19.89
N ALA A 66 -12.06 -4.09 -19.63
CA ALA A 66 -12.84 -5.31 -19.45
C ALA A 66 -13.74 -5.20 -18.23
N VAL A 67 -13.23 -4.64 -17.13
CA VAL A 67 -14.06 -4.42 -15.95
C VAL A 67 -15.19 -3.46 -16.27
N ALA A 68 -14.88 -2.37 -16.97
CA ALA A 68 -15.90 -1.38 -17.30
C ALA A 68 -17.00 -1.98 -18.16
N ALA A 69 -16.62 -2.84 -19.10
CA ALA A 69 -17.60 -3.46 -19.99
C ALA A 69 -18.56 -4.35 -19.21
N VAL A 70 -18.03 -5.16 -18.30
CA VAL A 70 -18.88 -5.99 -17.46
C VAL A 70 -19.82 -5.10 -16.64
N ALA A 71 -19.28 -4.05 -16.03
CA ALA A 71 -20.09 -3.17 -15.18
C ALA A 71 -21.20 -2.50 -15.97
N ARG A 72 -20.89 -1.96 -17.15
CA ARG A 72 -21.91 -1.32 -17.96
C ARG A 72 -23.07 -2.27 -18.27
N ARG A 73 -22.77 -3.54 -18.50
CA ARG A 73 -23.84 -4.49 -18.82
C ARG A 73 -24.61 -4.94 -17.59
N ARG A 74 -24.22 -4.49 -16.39
CA ARG A 74 -24.99 -4.69 -15.17
C ARG A 74 -25.69 -3.43 -14.72
N GLY A 75 -25.64 -2.38 -15.52
CA GLY A 75 -26.31 -1.14 -15.16
C GLY A 75 -25.53 -0.21 -14.27
N ILE A 76 -24.22 -0.43 -14.15
CA ILE A 76 -23.40 0.42 -13.28
C ILE A 76 -22.90 1.62 -14.09
N GLU A 77 -22.94 2.81 -13.47
CA GLU A 77 -22.39 4.01 -14.09
C GLU A 77 -20.88 4.04 -13.88
N VAL A 78 -20.11 3.96 -14.97
CA VAL A 78 -18.65 3.82 -14.91
C VAL A 78 -18.01 5.16 -15.26
N HIS A 79 -17.01 5.55 -14.46
CA HIS A 79 -16.26 6.77 -14.66
C HIS A 79 -14.79 6.39 -14.83
N GLY A 80 -14.14 6.93 -15.85
CA GLY A 80 -12.85 6.42 -16.23
C GLY A 80 -13.03 5.18 -17.08
N PRO A 81 -11.94 4.46 -17.40
CA PRO A 81 -10.60 4.58 -16.79
C PRO A 81 -9.83 5.85 -17.11
N LEU A 82 -9.28 6.47 -16.07
CA LEU A 82 -8.23 7.45 -16.21
C LEU A 82 -6.89 6.73 -16.16
N GLN A 83 -5.86 7.38 -16.69
CA GLN A 83 -4.56 6.74 -16.85
C GLN A 83 -3.49 7.48 -16.07
N VAL A 84 -2.50 6.71 -15.61
CA VAL A 84 -1.29 7.28 -15.02
C VAL A 84 -0.10 6.80 -15.85
N ALA A 85 0.89 7.67 -15.98
CA ALA A 85 2.02 7.33 -16.84
C ALA A 85 2.99 6.34 -16.18
N ASP A 86 3.06 6.33 -14.85
CA ASP A 86 4.08 5.54 -14.17
C ASP A 86 3.50 4.81 -12.97
N PRO A 87 3.43 3.47 -12.97
CA PRO A 87 2.88 2.74 -11.81
C PRO A 87 3.74 2.86 -10.56
N ASN A 88 4.97 3.36 -10.67
CA ASN A 88 5.82 3.47 -9.50
C ASN A 88 5.67 4.79 -8.79
N ASP A 89 4.87 5.73 -9.31
CA ASP A 89 4.78 7.05 -8.72
C ASP A 89 3.43 7.22 -8.06
N PRO A 90 3.40 7.55 -6.77
CA PRO A 90 2.10 7.71 -6.09
C PRO A 90 1.35 8.96 -6.51
N ALA A 91 2.04 9.99 -7.00
CA ALA A 91 1.38 11.29 -7.13
C ALA A 91 0.31 11.27 -8.22
N ALA A 92 0.58 10.59 -9.34
CA ALA A 92 -0.39 10.57 -10.43
C ALA A 92 -1.64 9.80 -10.05
N SER A 93 -1.46 8.69 -9.34
CA SER A 93 -2.61 7.92 -8.88
C SER A 93 -3.43 8.71 -7.88
N ARG A 94 -2.75 9.42 -6.99
CA ARG A 94 -3.46 10.28 -6.06
C ARG A 94 -4.27 11.34 -6.78
N SER A 95 -3.69 11.97 -7.81
CA SER A 95 -4.44 12.99 -8.54
C SER A 95 -5.66 12.38 -9.24
N GLN A 96 -5.47 11.24 -9.90
CA GLN A 96 -6.55 10.68 -10.71
C GLN A 96 -7.65 10.10 -9.85
N VAL A 97 -7.29 9.48 -8.72
CA VAL A 97 -8.32 9.00 -7.82
C VAL A 97 -9.09 10.16 -7.22
N ALA A 98 -8.39 11.25 -6.87
CA ALA A 98 -9.08 12.42 -6.32
C ALA A 98 -10.10 12.96 -7.31
N LEU A 99 -9.73 13.02 -8.58
CA LEU A 99 -10.66 13.51 -9.60
C LEU A 99 -11.89 12.61 -9.68
N LEU A 100 -11.68 11.29 -9.71
CA LEU A 100 -12.79 10.34 -9.79
C LEU A 100 -13.69 10.42 -8.56
N LEU A 101 -13.12 10.58 -7.37
CA LEU A 101 -13.94 10.73 -6.18
C LEU A 101 -14.81 11.97 -6.28
N SER A 102 -14.24 13.06 -6.79
CA SER A 102 -15.02 14.27 -7.03
C SER A 102 -16.06 14.06 -8.11
N GLU A 103 -15.69 13.37 -9.20
CA GLU A 103 -16.63 13.14 -10.30
C GLU A 103 -17.80 12.26 -9.86
N LEU A 104 -17.52 11.25 -9.03
CA LEU A 104 -18.58 10.39 -8.53
C LEU A 104 -19.51 11.15 -7.59
N ARG A 105 -18.94 11.99 -6.71
CA ARG A 105 -19.77 12.79 -5.82
C ARG A 105 -20.66 13.74 -6.61
N ARG A 106 -20.11 14.38 -7.65
CA ARG A 106 -20.90 15.27 -8.49
C ARG A 106 -21.97 14.53 -9.27
N ALA A 107 -21.74 13.25 -9.58
CA ALA A 107 -22.69 12.47 -10.36
C ALA A 107 -23.80 11.87 -9.51
N GLY A 108 -23.77 12.05 -8.19
CA GLY A 108 -24.83 11.61 -7.30
C GLY A 108 -24.44 10.54 -6.30
N CYS A 109 -23.21 10.02 -6.37
CA CYS A 109 -22.79 8.96 -5.46
C CYS A 109 -22.51 9.54 -4.09
N ARG A 110 -23.18 9.01 -3.06
CA ARG A 110 -23.06 9.59 -1.72
C ARG A 110 -22.13 8.82 -0.81
N GLU A 111 -21.94 7.52 -1.02
CA GLU A 111 -21.04 6.73 -0.21
C GLU A 111 -20.11 5.95 -1.12
N ILE A 112 -18.83 6.31 -1.09
CA ILE A 112 -17.82 5.76 -1.98
C ILE A 112 -16.77 5.04 -1.16
N ALA A 113 -16.24 3.95 -1.70
CA ALA A 113 -15.04 3.33 -1.17
C ALA A 113 -13.97 3.29 -2.25
N VAL A 114 -12.72 3.24 -1.83
CA VAL A 114 -11.60 3.01 -2.73
C VAL A 114 -11.03 1.64 -2.44
N ASP A 115 -11.06 0.75 -3.43
CA ASP A 115 -10.44 -0.58 -3.32
C ASP A 115 -8.98 -0.47 -3.76
N LEU A 116 -8.06 -0.68 -2.81
CA LEU A 116 -6.63 -0.47 -2.98
C LEU A 116 -5.91 -1.67 -3.59
N THR A 117 -6.62 -2.80 -3.75
CA THR A 117 -5.94 -4.08 -3.98
C THR A 117 -5.13 -4.06 -5.26
N GLY A 118 -5.72 -3.56 -6.35
CA GLY A 118 -5.10 -3.65 -7.65
C GLY A 118 -4.01 -2.61 -7.86
N GLY A 119 -3.24 -2.82 -8.93
CA GLY A 119 -2.17 -1.93 -9.31
C GLY A 119 -0.91 -2.14 -8.46
N LYS A 120 0.16 -1.47 -8.87
CA LYS A 120 1.42 -1.50 -8.11
C LYS A 120 1.25 -0.75 -6.79
N LEU A 121 2.09 -1.08 -5.82
CA LEU A 121 1.90 -0.49 -4.48
C LEU A 121 1.88 1.03 -4.50
N PRO A 122 2.74 1.74 -5.25
CA PRO A 122 2.61 3.21 -5.24
C PRO A 122 1.28 3.67 -5.76
N MET A 123 0.70 2.96 -6.72
CA MET A 123 -0.64 3.32 -7.19
C MET A 123 -1.63 3.19 -6.05
N SER A 124 -1.57 2.09 -5.31
CA SER A 124 -2.44 1.91 -4.15
C SER A 124 -2.20 2.98 -3.09
N LEU A 125 -0.93 3.35 -2.86
CA LEU A 125 -0.67 4.35 -1.84
C LEU A 125 -1.18 5.72 -2.27
N GLY A 126 -1.04 6.06 -3.55
CA GLY A 126 -1.65 7.32 -4.02
C GLY A 126 -3.15 7.30 -3.88
N ALA A 127 -3.78 6.17 -4.18
CA ALA A 127 -5.23 6.03 -4.03
C ALA A 127 -5.65 6.18 -2.57
N PHE A 128 -4.88 5.58 -1.66
CA PHE A 128 -5.14 5.72 -0.24
C PHE A 128 -5.09 7.18 0.17
N MET A 129 -4.07 7.92 -0.29
CA MET A 129 -3.94 9.31 0.13
C MET A 129 -5.11 10.15 -0.40
N ALA A 130 -5.56 9.87 -1.61
CA ALA A 130 -6.73 10.58 -2.15
C ALA A 130 -7.98 10.21 -1.38
N ALA A 131 -8.13 8.94 -1.02
CA ALA A 131 -9.30 8.53 -0.24
C ALA A 131 -9.32 9.27 1.09
N GLU A 132 -8.17 9.31 1.77
CA GLU A 132 -8.08 9.97 3.07
C GLU A 132 -8.40 11.45 2.97
N GLU A 133 -7.86 12.12 1.94
CA GLU A 133 -8.12 13.55 1.79
C GLU A 133 -9.59 13.82 1.46
N ALA A 134 -10.28 12.87 0.85
CA ALA A 134 -11.69 13.01 0.57
C ALA A 134 -12.56 12.48 1.70
N GLY A 135 -11.95 11.92 2.74
CA GLY A 135 -12.71 11.36 3.84
C GLY A 135 -13.45 10.10 3.49
N VAL A 136 -12.98 9.35 2.51
CA VAL A 136 -13.67 8.12 2.11
C VAL A 136 -12.84 6.90 2.51
N ALA A 137 -13.56 5.82 2.77
CA ALA A 137 -12.96 4.61 3.28
C ALA A 137 -12.13 3.89 2.23
N SER A 138 -11.10 3.18 2.68
CA SER A 138 -10.27 2.37 1.81
C SER A 138 -10.40 0.90 2.19
N LEU A 139 -10.43 0.06 1.16
CA LEU A 139 -10.65 -1.37 1.30
C LEU A 139 -9.53 -2.15 0.63
N TYR A 140 -9.42 -3.41 1.02
CA TYR A 140 -8.45 -4.35 0.46
C TYR A 140 -9.10 -5.72 0.39
N VAL A 141 -8.86 -6.44 -0.71
CA VAL A 141 -9.36 -7.82 -0.82
C VAL A 141 -8.28 -8.74 -0.32
N ALA A 142 -8.49 -9.29 0.87
CA ALA A 142 -7.51 -10.20 1.44
C ALA A 142 -7.82 -11.62 0.99
N THR A 143 -6.78 -12.37 0.67
CA THR A 143 -6.93 -13.79 0.43
C THR A 143 -5.84 -14.52 1.18
N ASP A 144 -6.07 -15.80 1.43
CA ASP A 144 -4.95 -16.66 1.73
C ASP A 144 -4.37 -17.19 0.42
N PHE A 145 -3.10 -17.54 0.46
CA PHE A 145 -2.46 -18.05 -0.75
C PHE A 145 -2.95 -19.45 -1.06
N ASP A 146 -3.40 -19.66 -2.30
CA ASP A 146 -3.74 -21.00 -2.79
C ASP A 146 -2.41 -21.65 -3.13
N LYS A 147 -1.86 -22.38 -2.15
CA LYS A 147 -0.57 -23.02 -2.36
C LYS A 147 -0.63 -24.15 -3.37
N HIS A 148 -1.82 -24.62 -3.77
CA HIS A 148 -1.87 -25.65 -4.79
C HIS A 148 -1.62 -25.05 -6.16
N LEU A 149 -2.29 -23.93 -6.47
CA LEU A 149 -2.12 -23.26 -7.75
C LEU A 149 -1.10 -22.12 -7.68
N LYS A 150 -0.53 -21.84 -6.50
CA LYS A 150 0.42 -20.75 -6.32
C LYS A 150 -0.16 -19.42 -6.83
N VAL A 151 -1.39 -19.15 -6.39
CA VAL A 151 -2.21 -18.01 -6.82
C VAL A 151 -2.93 -17.53 -5.56
N PRO A 152 -3.31 -16.27 -5.45
CA PRO A 152 -4.26 -15.90 -4.39
C PRO A 152 -5.54 -16.71 -4.54
N ASP A 153 -6.01 -17.27 -3.42
CA ASP A 153 -7.19 -18.12 -3.42
C ASP A 153 -8.44 -17.25 -3.36
N MET A 154 -9.08 -17.05 -4.51
CA MET A 154 -10.28 -16.23 -4.58
C MET A 154 -11.41 -16.76 -3.73
N ARG A 155 -11.43 -18.05 -3.43
CA ARG A 155 -12.49 -18.62 -2.60
C ARG A 155 -12.42 -18.09 -1.16
N THR A 156 -11.23 -17.66 -0.73
CA THR A 156 -11.02 -17.15 0.62
C THR A 156 -11.17 -15.64 0.70
N ALA A 157 -11.58 -14.98 -0.39
CA ALA A 157 -11.54 -13.53 -0.47
C ALA A 157 -12.46 -12.88 0.56
N THR A 158 -11.90 -11.95 1.32
CA THR A 158 -12.68 -11.19 2.29
C THR A 158 -12.35 -9.71 2.10
N LEU A 159 -13.34 -8.86 2.31
CA LEU A 159 -13.17 -7.43 2.16
C LEU A 159 -12.64 -6.87 3.48
N ARG A 160 -11.40 -6.37 3.46
CA ARG A 160 -10.81 -5.74 4.63
C ARG A 160 -10.93 -4.23 4.56
N GLN A 161 -11.11 -3.63 5.72
CA GLN A 161 -11.11 -2.18 5.89
C GLN A 161 -9.68 -1.73 6.20
N ILE A 162 -9.15 -0.82 5.40
CA ILE A 162 -7.83 -0.26 5.71
C ILE A 162 -7.98 0.88 6.71
N SER A 163 -8.74 1.91 6.32
CA SER A 163 -8.95 3.08 7.14
C SER A 163 -10.36 3.57 6.89
N GLN A 164 -10.98 4.17 7.93
CA GLN A 164 -12.29 4.79 7.78
C GLN A 164 -12.19 6.21 8.31
N PRO A 165 -11.88 7.18 7.44
CA PRO A 165 -11.71 8.56 7.92
C PRO A 165 -13.00 9.08 8.56
N GLU A 166 -12.85 10.04 9.46
CA GLU A 166 -13.99 10.60 10.21
C GLU A 166 -14.98 11.29 9.27
N LEU B 9 -11.72 20.75 10.16
CA LEU B 9 -11.74 19.44 9.55
C LEU B 9 -10.65 18.54 10.17
N THR B 10 -10.96 17.27 10.21
CA THR B 10 -10.09 16.29 10.75
C THR B 10 -9.44 15.54 9.59
N ARG B 11 -9.66 15.96 8.36
CA ARG B 11 -9.18 15.15 7.25
C ARG B 11 -7.67 15.25 7.13
N ASN B 12 -7.04 14.12 6.85
CA ASN B 12 -5.61 14.08 6.65
C ASN B 12 -5.25 14.78 5.35
N ARG B 13 -4.00 15.23 5.27
CA ARG B 13 -3.47 15.99 4.15
C ARG B 13 -2.04 15.53 3.88
N PHE B 14 -1.69 15.39 2.60
CA PHE B 14 -0.37 14.88 2.19
C PHE B 14 0.28 15.94 1.31
N PRO B 15 0.99 16.90 1.91
CA PRO B 15 1.49 18.05 1.13
C PRO B 15 2.66 17.74 0.21
N ARG B 16 3.41 16.65 0.41
CA ARG B 16 4.58 16.33 -0.42
C ARG B 16 4.56 14.85 -0.76
N VAL B 17 4.22 14.53 -2.02
CA VAL B 17 3.96 13.15 -2.43
C VAL B 17 4.84 12.85 -3.64
N GLY B 18 5.48 11.68 -3.62
CA GLY B 18 6.22 11.25 -4.79
C GLY B 18 7.64 11.80 -4.78
N GLY B 19 8.35 11.55 -5.88
CA GLY B 19 9.74 11.93 -5.99
C GLY B 19 10.69 10.77 -5.71
N VAL B 20 11.98 11.07 -5.77
CA VAL B 20 13.06 10.08 -5.64
C VAL B 20 14.13 10.60 -4.71
N SER B 21 14.66 9.71 -3.88
CA SER B 21 15.84 9.98 -3.06
C SER B 21 17.01 9.16 -3.59
N GLU B 22 18.07 9.81 -4.02
CA GLU B 22 19.33 9.12 -4.25
C GLU B 22 20.37 9.81 -3.37
N SER B 23 20.42 9.39 -2.12
CA SER B 23 21.33 9.89 -1.08
C SER B 23 22.58 10.63 -1.59
N GLN B 26 19.43 13.05 4.53
CA GLN B 26 19.66 11.62 4.66
C GLN B 26 18.95 11.08 5.89
N TRP B 27 18.78 9.78 5.95
CA TRP B 27 18.24 9.12 7.14
C TRP B 27 19.34 8.27 7.75
N GLU B 28 19.40 8.25 9.07
CA GLU B 28 20.30 7.31 9.75
C GLU B 28 19.56 6.13 10.34
N GLY B 29 18.24 6.11 10.25
CA GLY B 29 17.46 4.95 10.66
C GLY B 29 16.45 4.57 9.60
N VAL B 30 16.23 3.25 9.45
CA VAL B 30 15.21 2.77 8.53
C VAL B 30 14.45 1.63 9.20
N VAL B 31 13.13 1.68 9.13
CA VAL B 31 12.27 0.58 9.59
C VAL B 31 11.66 -0.08 8.35
N PHE B 32 11.80 -1.40 8.25
CA PHE B 32 11.34 -2.20 7.11
C PHE B 32 10.17 -3.09 7.52
N THR B 33 9.14 -3.15 6.68
CA THR B 33 8.26 -4.32 6.66
C THR B 33 8.91 -5.36 5.76
N VAL B 34 8.87 -6.64 6.16
CA VAL B 34 9.74 -7.64 5.53
C VAL B 34 8.91 -8.75 4.90
N SER B 35 9.20 -9.02 3.63
CA SER B 35 8.79 -10.25 2.97
C SER B 35 9.97 -11.03 2.40
N ASN B 36 10.99 -10.35 1.88
CA ASN B 36 12.20 -10.99 1.37
C ASN B 36 13.42 -10.29 1.93
N GLU B 37 14.59 -10.91 1.78
CA GLU B 37 15.79 -10.30 2.33
C GLU B 37 16.57 -9.44 1.34
N SER B 38 16.38 -9.62 0.02
CA SER B 38 17.28 -8.94 -0.92
C SER B 38 16.97 -7.46 -1.02
N VAL B 39 15.70 -7.07 -0.93
CA VAL B 39 15.39 -5.66 -1.11
C VAL B 39 15.85 -4.85 0.11
N PRO B 40 15.61 -5.28 1.36
CA PRO B 40 16.18 -4.52 2.48
C PRO B 40 17.70 -4.46 2.45
N ARG B 41 18.36 -5.53 1.98
CA ARG B 41 19.82 -5.49 1.89
C ARG B 41 20.29 -4.43 0.89
N TRP B 42 19.54 -4.22 -0.19
CA TRP B 42 19.86 -3.17 -1.14
C TRP B 42 19.68 -1.79 -0.51
N VAL B 43 18.57 -1.56 0.20
CA VAL B 43 18.35 -0.28 0.87
C VAL B 43 19.44 -0.03 1.89
N MET B 44 19.85 -1.07 2.63
CA MET B 44 20.94 -0.93 3.59
C MET B 44 22.21 -0.41 2.93
N ALA B 45 22.53 -0.92 1.74
CA ALA B 45 23.74 -0.49 1.03
C ALA B 45 23.62 0.93 0.49
N GLN B 46 22.42 1.36 0.10
CA GLN B 46 22.23 2.71 -0.41
C GLN B 46 22.26 3.73 0.73
N ILE B 47 21.49 3.48 1.78
CA ILE B 47 21.29 4.46 2.83
C ILE B 47 22.40 4.40 3.89
N GLN B 48 23.00 3.24 4.08
CA GLN B 48 23.99 3.03 5.14
C GLN B 48 23.48 3.54 6.49
N PRO B 49 22.35 3.04 6.98
CA PRO B 49 21.81 3.54 8.24
C PRO B 49 22.65 3.07 9.41
N ALA B 50 22.61 3.84 10.50
CA ALA B 50 23.18 3.37 11.76
C ALA B 50 22.19 2.59 12.60
N TYR B 51 20.89 2.75 12.35
CA TYR B 51 19.83 2.07 13.10
C TYR B 51 18.87 1.39 12.13
N MET B 52 18.34 0.24 12.54
CA MET B 52 17.40 -0.50 11.69
C MET B 52 16.29 -1.08 12.55
N GLY B 53 15.07 -1.01 12.04
CA GLY B 53 13.95 -1.74 12.61
C GLY B 53 13.37 -2.70 11.60
N LEU B 54 12.83 -3.82 12.10
CA LEU B 54 12.31 -4.86 11.21
C LEU B 54 10.98 -5.36 11.72
N VAL B 55 9.99 -5.45 10.83
CA VAL B 55 8.67 -6.01 11.16
C VAL B 55 8.40 -7.15 10.19
N ALA B 56 8.09 -8.33 10.71
CA ALA B 56 7.91 -9.48 9.84
C ALA B 56 6.67 -10.26 10.23
N THR B 57 6.36 -11.29 9.44
CA THR B 57 5.34 -12.26 9.79
C THR B 57 6.04 -13.56 10.18
N GLN B 58 5.24 -14.54 10.64
CA GLN B 58 5.79 -15.86 10.87
C GLN B 58 6.47 -16.40 9.62
N ALA B 59 5.86 -16.19 8.44
CA ALA B 59 6.41 -16.70 7.20
C ALA B 59 7.68 -15.97 6.79
N SER B 60 7.78 -14.67 7.05
CA SER B 60 8.95 -13.92 6.61
C SER B 60 9.97 -13.71 7.73
N LEU B 61 9.76 -14.33 8.90
CA LEU B 61 10.69 -14.13 10.00
C LEU B 61 12.12 -14.52 9.62
N ALA B 62 12.28 -15.66 8.94
CA ALA B 62 13.62 -16.09 8.58
C ALA B 62 14.30 -15.09 7.66
N ALA B 63 13.55 -14.52 6.71
CA ALA B 63 14.13 -13.49 5.86
C ALA B 63 14.54 -12.27 6.67
N ALA B 64 13.70 -11.86 7.63
CA ALA B 64 14.04 -10.71 8.45
C ALA B 64 15.28 -10.96 9.28
N GLU B 65 15.44 -12.19 9.77
CA GLU B 65 16.63 -12.54 10.54
C GLU B 65 17.88 -12.56 9.67
N ALA B 66 17.73 -12.95 8.40
CA ALA B 66 18.88 -12.86 7.50
C ALA B 66 19.30 -11.42 7.29
N VAL B 67 18.33 -10.51 7.16
CA VAL B 67 18.65 -9.10 7.01
C VAL B 67 19.37 -8.58 8.26
N ALA B 68 18.86 -8.95 9.43
CA ALA B 68 19.46 -8.47 10.69
C ALA B 68 20.87 -9.00 10.87
N ALA B 69 21.12 -10.24 10.43
CA ALA B 69 22.46 -10.80 10.55
C ALA B 69 23.46 -10.07 9.67
N VAL B 70 23.06 -9.66 8.45
CA VAL B 70 23.95 -8.84 7.63
C VAL B 70 24.15 -7.48 8.27
N ALA B 71 23.07 -6.90 8.80
CA ALA B 71 23.18 -5.57 9.39
C ALA B 71 24.14 -5.57 10.56
N ARG B 72 24.01 -6.54 11.47
CA ARG B 72 24.86 -6.58 12.65
C ARG B 72 26.34 -6.72 12.29
N ARG B 73 26.63 -7.45 11.21
CA ARG B 73 28.03 -7.61 10.80
C ARG B 73 28.58 -6.35 10.14
N ARG B 74 27.72 -5.37 9.84
CA ARG B 74 28.15 -4.05 9.41
C ARG B 74 28.14 -3.04 10.55
N GLY B 75 27.85 -3.48 11.77
CA GLY B 75 27.82 -2.56 12.90
C GLY B 75 26.53 -1.78 13.04
N ILE B 76 25.47 -2.19 12.37
CA ILE B 76 24.19 -1.48 12.49
C ILE B 76 23.48 -1.97 13.73
N GLU B 77 22.87 -1.04 14.47
CA GLU B 77 22.03 -1.38 15.62
C GLU B 77 20.64 -1.78 15.11
N VAL B 78 20.24 -3.02 15.39
CA VAL B 78 19.02 -3.60 14.85
C VAL B 78 18.00 -3.78 15.96
N HIS B 79 16.78 -3.29 15.71
CA HIS B 79 15.66 -3.47 16.61
C HIS B 79 14.61 -4.35 15.92
N GLY B 80 14.11 -5.35 16.64
CA GLY B 80 13.31 -6.39 16.02
C GLY B 80 14.20 -7.46 15.40
N PRO B 81 13.62 -8.38 14.60
CA PRO B 81 12.25 -8.39 14.07
C PRO B 81 11.14 -8.57 15.10
N LEU B 82 10.16 -7.67 15.03
CA LEU B 82 8.86 -7.87 15.65
C LEU B 82 7.96 -8.61 14.66
N GLN B 83 6.96 -9.31 15.18
CA GLN B 83 6.12 -10.09 14.31
C GLN B 83 4.68 -9.60 14.39
N VAL B 84 3.96 -9.74 13.28
CA VAL B 84 2.52 -9.51 13.24
C VAL B 84 1.86 -10.86 13.04
N ALA B 85 0.73 -11.06 13.71
CA ALA B 85 0.05 -12.35 13.66
C ALA B 85 -0.66 -12.57 12.33
N ASP B 86 -1.13 -11.50 11.69
CA ASP B 86 -1.90 -11.58 10.46
C ASP B 86 -1.32 -10.60 9.46
N PRO B 87 -0.72 -11.05 8.36
CA PRO B 87 -0.22 -10.11 7.34
C PRO B 87 -1.31 -9.28 6.68
N ASN B 88 -2.58 -9.67 6.83
CA ASN B 88 -3.67 -8.94 6.19
C ASN B 88 -4.22 -7.84 7.08
N ASP B 89 -3.73 -7.71 8.31
CA ASP B 89 -4.32 -6.75 9.23
C ASP B 89 -3.48 -5.49 9.29
N PRO B 90 -3.96 -4.35 8.78
CA PRO B 90 -3.14 -3.13 8.81
C PRO B 90 -2.92 -2.60 10.22
N ALA B 91 -3.80 -2.90 11.19
CA ALA B 91 -3.64 -2.33 12.53
C ALA B 91 -2.43 -2.92 13.24
N ALA B 92 -2.17 -4.21 13.07
CA ALA B 92 -1.02 -4.81 13.75
C ALA B 92 0.29 -4.27 13.20
N SER B 93 0.36 -4.06 11.88
CA SER B 93 1.58 -3.53 11.29
C SER B 93 1.78 -2.08 11.69
N ARG B 94 0.69 -1.29 11.70
CA ARG B 94 0.76 0.07 12.21
C ARG B 94 1.32 0.10 13.62
N SER B 95 0.81 -0.78 14.50
CA SER B 95 1.24 -0.76 15.89
C SER B 95 2.71 -1.15 16.03
N GLN B 96 3.13 -2.18 15.30
CA GLN B 96 4.52 -2.64 15.44
C GLN B 96 5.51 -1.66 14.82
N VAL B 97 5.15 -1.02 13.71
CA VAL B 97 6.04 -0.02 13.14
C VAL B 97 6.13 1.20 14.05
N ALA B 98 4.98 1.65 14.60
CA ALA B 98 5.01 2.79 15.51
C ALA B 98 5.87 2.51 16.74
N LEU B 99 5.83 1.27 17.25
CA LEU B 99 6.68 0.89 18.37
C LEU B 99 8.15 1.01 18.01
N LEU B 100 8.53 0.50 16.85
CA LEU B 100 9.92 0.54 16.44
C LEU B 100 10.40 1.96 16.20
N LEU B 101 9.55 2.81 15.60
CA LEU B 101 9.93 4.21 15.42
C LEU B 101 10.18 4.88 16.76
N SER B 102 9.32 4.61 17.74
CA SER B 102 9.54 5.13 19.09
C SER B 102 10.80 4.54 19.70
N GLU B 103 11.02 3.23 19.54
CA GLU B 103 12.20 2.59 20.12
C GLU B 103 13.48 3.14 19.49
N LEU B 104 13.47 3.39 18.18
CA LEU B 104 14.64 3.96 17.54
C LEU B 104 14.92 5.37 18.04
N ARG B 105 13.86 6.16 18.23
CA ARG B 105 14.04 7.53 18.71
C ARG B 105 14.56 7.54 20.14
N ARG B 106 14.03 6.67 21.01
CA ARG B 106 14.51 6.57 22.38
C ARG B 106 15.94 6.06 22.45
N ALA B 107 16.45 5.45 21.39
CA ALA B 107 17.85 5.03 21.35
C ALA B 107 18.77 6.11 20.80
N GLY B 108 18.23 7.28 20.44
CA GLY B 108 19.03 8.37 19.95
C GLY B 108 18.98 8.63 18.46
N CYS B 109 18.25 7.81 17.72
CA CYS B 109 18.17 8.00 16.30
C CYS B 109 17.44 9.28 15.97
N ARG B 110 17.94 10.01 15.00
CA ARG B 110 17.32 11.26 14.61
C ARG B 110 16.38 11.01 13.43
N GLU B 111 16.85 11.28 12.24
CA GLU B 111 16.10 11.10 11.02
C GLU B 111 15.91 9.65 10.67
N ILE B 112 14.65 9.27 10.58
CA ILE B 112 14.22 7.90 10.32
C ILE B 112 13.32 7.87 9.08
N ALA B 113 13.43 6.81 8.30
CA ALA B 113 12.49 6.55 7.22
C ALA B 113 11.85 5.18 7.40
N VAL B 114 10.65 5.01 6.84
CA VAL B 114 9.99 3.71 6.81
C VAL B 114 10.01 3.23 5.37
N ASP B 115 10.69 2.10 5.12
CA ASP B 115 10.63 1.44 3.81
C ASP B 115 9.48 0.44 3.87
N LEU B 116 8.39 0.73 3.16
CA LEU B 116 7.20 -0.11 3.23
C LEU B 116 7.09 -1.06 2.04
N THR B 117 8.19 -1.26 1.30
CA THR B 117 8.12 -2.10 0.10
C THR B 117 7.69 -3.53 0.41
N GLY B 118 8.20 -4.09 1.50
CA GLY B 118 7.98 -5.50 1.74
C GLY B 118 6.68 -5.80 2.48
N GLY B 119 6.22 -7.04 2.33
CA GLY B 119 5.02 -7.54 2.99
C GLY B 119 3.79 -7.45 2.10
N LYS B 120 2.66 -7.93 2.63
CA LYS B 120 1.40 -7.74 1.94
C LYS B 120 0.96 -6.29 2.03
N LEU B 121 0.04 -5.90 1.17
CA LEU B 121 -0.39 -4.50 1.15
C LEU B 121 -0.84 -3.96 2.50
N PRO B 122 -1.61 -4.70 3.32
CA PRO B 122 -1.97 -4.14 4.64
C PRO B 122 -0.78 -3.91 5.53
N MET B 123 0.28 -4.71 5.41
CA MET B 123 1.50 -4.42 6.18
C MET B 123 2.09 -3.09 5.74
N SER B 124 2.20 -2.90 4.43
CA SER B 124 2.74 -1.65 3.90
C SER B 124 1.86 -0.45 4.25
N LEU B 125 0.53 -0.62 4.23
CA LEU B 125 -0.35 0.50 4.53
C LEU B 125 -0.33 0.82 6.02
N GLY B 126 -0.22 -0.20 6.88
CA GLY B 126 -0.07 0.08 8.30
C GLY B 126 1.23 0.80 8.59
N ALA B 127 2.33 0.35 7.97
CA ALA B 127 3.61 1.03 8.08
C ALA B 127 3.51 2.49 7.62
N PHE B 128 2.79 2.73 6.53
CA PHE B 128 2.62 4.10 6.04
C PHE B 128 1.90 4.97 7.06
N MET B 129 0.80 4.43 7.64
CA MET B 129 0.05 5.21 8.63
C MET B 129 0.90 5.51 9.84
N ALA B 130 1.69 4.53 10.30
CA ALA B 130 2.59 4.76 11.42
C ALA B 130 3.64 5.81 11.08
N ALA B 131 4.18 5.75 9.86
CA ALA B 131 5.13 6.75 9.42
C ALA B 131 4.51 8.13 9.46
N GLU B 132 3.32 8.28 8.88
CA GLU B 132 2.63 9.57 8.86
C GLU B 132 2.34 10.09 10.26
N GLU B 133 1.90 9.20 11.16
CA GLU B 133 1.58 9.65 12.51
C GLU B 133 2.81 10.11 13.28
N ALA B 134 3.98 9.55 12.96
CA ALA B 134 5.24 9.94 13.59
C ALA B 134 5.93 11.10 12.88
N GLY B 135 5.39 11.57 11.76
CA GLY B 135 6.04 12.63 11.00
C GLY B 135 7.28 12.20 10.25
N VAL B 136 7.40 10.91 9.91
CA VAL B 136 8.60 10.43 9.22
C VAL B 136 8.26 10.02 7.79
N ALA B 137 9.27 10.13 6.92
CA ALA B 137 9.11 9.85 5.50
C ALA B 137 8.88 8.37 5.25
N SER B 138 8.12 8.06 4.19
CA SER B 138 7.90 6.69 3.75
C SER B 138 8.53 6.49 2.38
N LEU B 139 9.16 5.32 2.19
CA LEU B 139 9.96 5.02 1.00
C LEU B 139 9.45 3.73 0.37
N TYR B 140 9.77 3.58 -0.91
CA TYR B 140 9.38 2.41 -1.68
C TYR B 140 10.48 2.12 -2.70
N VAL B 141 10.89 0.86 -2.82
CA VAL B 141 11.93 0.50 -3.78
C VAL B 141 11.24 0.09 -5.07
N ALA B 142 11.33 0.92 -6.10
CA ALA B 142 10.72 0.65 -7.38
C ALA B 142 11.71 -0.13 -8.24
N THR B 143 11.26 -1.25 -8.80
CA THR B 143 12.08 -2.03 -9.72
C THR B 143 11.24 -2.50 -10.89
N ASP B 144 11.92 -2.82 -11.99
CA ASP B 144 11.33 -3.66 -13.01
C ASP B 144 11.52 -5.12 -12.62
N PHE B 145 10.68 -5.99 -13.17
CA PHE B 145 10.79 -7.41 -12.89
C PHE B 145 11.83 -8.07 -13.78
N ASP B 146 12.64 -8.94 -13.18
CA ASP B 146 13.64 -9.69 -13.94
C ASP B 146 12.94 -10.85 -14.64
N LYS B 147 12.75 -10.73 -15.96
CA LYS B 147 11.96 -11.70 -16.71
C LYS B 147 12.61 -13.08 -16.74
N HIS B 148 13.92 -13.16 -16.57
CA HIS B 148 14.63 -14.43 -16.70
C HIS B 148 15.03 -15.06 -15.37
N LEU B 149 15.05 -14.30 -14.28
CA LEU B 149 15.31 -14.86 -12.97
C LEU B 149 14.09 -14.86 -12.07
N LYS B 150 12.99 -14.24 -12.51
CA LYS B 150 11.69 -14.30 -11.82
C LYS B 150 11.72 -13.63 -10.45
N VAL B 151 12.47 -12.54 -10.32
CA VAL B 151 12.53 -11.79 -9.05
C VAL B 151 12.67 -10.30 -9.37
N PRO B 152 12.54 -9.40 -8.39
CA PRO B 152 12.77 -7.98 -8.68
C PRO B 152 14.18 -7.76 -9.19
N ASP B 153 14.28 -6.98 -10.27
CA ASP B 153 15.58 -6.65 -10.86
C ASP B 153 16.18 -5.48 -10.10
N MET B 154 17.10 -5.78 -9.19
CA MET B 154 17.74 -4.75 -8.37
C MET B 154 18.68 -3.85 -9.16
N ARG B 155 19.09 -4.25 -10.37
CA ARG B 155 19.79 -3.32 -11.25
C ARG B 155 18.92 -2.13 -11.62
N THR B 156 17.60 -2.25 -11.52
CA THR B 156 16.70 -1.17 -11.86
C THR B 156 16.19 -0.41 -10.64
N ALA B 157 16.65 -0.77 -9.44
CA ALA B 157 16.06 -0.27 -8.21
C ALA B 157 16.23 1.24 -8.09
N THR B 158 15.14 1.91 -7.75
CA THR B 158 15.10 3.33 -7.45
C THR B 158 14.42 3.51 -6.10
N LEU B 159 14.99 4.33 -5.22
CA LEU B 159 14.38 4.61 -3.93
C LEU B 159 13.39 5.75 -4.13
N ARG B 160 12.10 5.40 -4.24
CA ARG B 160 11.06 6.38 -4.46
C ARG B 160 10.51 6.85 -3.12
N GLN B 161 10.07 8.09 -3.09
CA GLN B 161 9.45 8.61 -1.88
C GLN B 161 7.94 8.62 -2.05
N ILE B 162 7.26 8.04 -1.06
CA ILE B 162 5.80 8.06 -1.05
C ILE B 162 5.29 9.38 -0.50
N SER B 163 5.68 9.71 0.73
CA SER B 163 5.21 10.94 1.37
C SER B 163 6.30 11.47 2.31
N GLN B 164 6.42 12.79 2.37
CA GLN B 164 7.30 13.45 3.33
C GLN B 164 6.48 14.37 4.20
N PRO B 165 6.06 13.94 5.41
CA PRO B 165 5.38 14.83 6.36
C PRO B 165 6.25 16.05 6.69
#